data_5UZK
#
_entry.id   5UZK
#
_cell.length_a   73.170
_cell.length_b   78.180
_cell.length_c   80.260
_cell.angle_alpha   90.000
_cell.angle_beta   90.000
_cell.angle_gamma   90.000
#
_symmetry.space_group_name_H-M   'P 21 21 21'
#
loop_
_entity.id
_entity.type
_entity.pdbx_description
1 polymer 'cAMP-dependent protein kinase catalytic subunit alpha'
2 polymer 'cAMP-dependent protein kinase inhibitor alpha'
3 non-polymer 2-{3-[3-(piperidin-4-yl)propoxy]phenyl}-N-[4-(1H-pyrrolo[2,3-b]pyridin-3-yl)-1,3-thiazol-2-yl]acetamide
4 water water
#
loop_
_entity_poly.entity_id
_entity_poly.type
_entity_poly.pdbx_seq_one_letter_code
_entity_poly.pdbx_strand_id
1 'polypeptide(L)'
;MGNAAAAKKGSEQESVKEFLAKAKEDFLKKWESPAQNTAHLDQFERIKTLGTGSFGRVMLVKHKETGNHYAMKILDKQKV
VKLKQIEHTLNEKRILQAVNFPFLVKLEFSFKDNSNLYMVMEYVPGGEMFSHLRRIGRFSEPHARFYAAQIVLTFEYLHS
LDLIYRDLKPENLLIDQQGYIQVTDFGFAKRVKGRTW(TPO)LCGTPEYLAPEIILSKGYNKAVDWWALGVLIYEMAAGY
PPFFADQPIQIYEKIVSGKVRFPSHFSSDLKDLLRNLLQVDLTKRFGNLKNGVNDIKNHKWFATTDWIAIYQRKVEAPFI
PKFKGPGDTSNFDDYEEEEIRV(SEP)INEKCGKEFSEF
;
A
2 'polypeptide(L)' TTYADFIASGRTGRRNAI I
#
loop_
_chem_comp.id
_chem_comp.type
_chem_comp.name
_chem_comp.formula
504 non-polymer 2-{3-[3-(piperidin-4-yl)propoxy]phenyl}-N-[4-(1H-pyrrolo[2,3-b]pyridin-3-yl)-1,3-thiazol-2-yl]acetamide 'C26 H29 N5 O2 S'
#
# COMPACT_ATOMS: atom_id res chain seq x y z
N SER A 15 3.44 10.04 24.95
CA SER A 15 4.37 9.05 24.39
C SER A 15 3.72 8.18 23.31
N VAL A 16 4.52 7.29 22.69
CA VAL A 16 4.11 6.36 21.66
C VAL A 16 3.07 5.36 22.21
N LYS A 17 3.34 4.74 23.38
CA LYS A 17 2.45 3.80 24.07
C LYS A 17 1.08 4.41 24.39
N GLU A 18 1.05 5.70 24.78
CA GLU A 18 -0.16 6.45 25.11
C GLU A 18 -0.98 6.71 23.85
N PHE A 19 -0.28 7.11 22.76
CA PHE A 19 -0.90 7.35 21.45
C PHE A 19 -1.51 6.04 20.90
N LEU A 20 -0.74 4.93 20.99
CA LEU A 20 -1.14 3.63 20.49
C LEU A 20 -2.35 3.08 21.26
N ALA A 21 -2.40 3.28 22.59
CA ALA A 21 -3.54 2.87 23.44
C ALA A 21 -4.85 3.54 22.97
N LYS A 22 -4.83 4.88 22.81
CA LYS A 22 -5.98 5.66 22.37
C LYS A 22 -6.38 5.34 20.93
N ALA A 23 -5.39 5.05 20.06
CA ALA A 23 -5.59 4.67 18.65
C ALA A 23 -6.30 3.30 18.55
N LYS A 24 -5.90 2.31 19.40
CA LYS A 24 -6.50 0.97 19.51
C LYS A 24 -7.98 1.07 19.94
N GLU A 25 -8.26 1.97 20.89
CA GLU A 25 -9.60 2.22 21.42
C GLU A 25 -10.57 2.73 20.34
N ASP A 26 -10.16 3.75 19.56
CA ASP A 26 -10.95 4.29 18.46
C ASP A 26 -11.13 3.23 17.36
N PHE A 27 -10.05 2.46 17.09
CA PHE A 27 -10.08 1.40 16.09
C PHE A 27 -11.11 0.34 16.43
N LEU A 28 -11.01 -0.25 17.62
CA LEU A 28 -11.87 -1.36 18.02
C LEU A 28 -13.34 -1.03 18.06
N LYS A 29 -13.69 0.23 18.32
CA LYS A 29 -15.08 0.70 18.33
C LYS A 29 -15.68 0.60 16.92
N LYS A 30 -14.92 1.05 15.92
CA LYS A 30 -15.30 1.01 14.50
C LYS A 30 -15.15 -0.42 13.95
N TRP A 31 -14.12 -1.17 14.39
CA TRP A 31 -13.89 -2.57 13.99
C TRP A 31 -15.08 -3.45 14.42
N GLU A 32 -15.59 -3.22 15.64
CA GLU A 32 -16.72 -3.97 16.18
C GLU A 32 -18.07 -3.55 15.60
N SER A 33 -18.24 -2.25 15.31
CA SER A 33 -19.48 -1.69 14.74
C SER A 33 -19.17 -0.88 13.46
N PRO A 34 -18.91 -1.58 12.33
CA PRO A 34 -18.53 -0.88 11.10
C PRO A 34 -19.60 -0.02 10.43
N ALA A 35 -19.17 1.08 9.77
CA ALA A 35 -19.99 2.00 8.98
C ALA A 35 -20.46 1.20 7.75
N GLN A 36 -21.69 1.42 7.29
CA GLN A 36 -22.29 0.69 6.19
C GLN A 36 -23.32 1.56 5.47
N ASN A 37 -23.39 1.43 4.12
CA ASN A 37 -24.36 2.14 3.26
C ASN A 37 -24.43 3.65 3.53
N THR A 38 -23.30 4.34 3.42
CA THR A 38 -23.20 5.76 3.75
C THR A 38 -23.32 6.74 2.54
N ALA A 39 -23.56 6.20 1.34
CA ALA A 39 -23.78 6.95 0.09
C ALA A 39 -24.58 6.11 -0.93
N HIS A 40 -24.92 6.71 -2.09
CA HIS A 40 -25.70 6.19 -3.23
C HIS A 40 -24.83 6.45 -4.46
N LEU A 41 -24.93 5.61 -5.52
CA LEU A 41 -24.21 5.82 -6.77
C LEU A 41 -24.58 7.14 -7.45
N ASP A 42 -25.87 7.52 -7.42
CA ASP A 42 -26.39 8.75 -8.05
C ASP A 42 -25.95 10.08 -7.38
N GLN A 43 -25.20 10.00 -6.28
CA GLN A 43 -24.68 11.18 -5.56
C GLN A 43 -23.30 11.61 -6.14
N PHE A 44 -22.78 10.84 -7.09
CA PHE A 44 -21.50 11.09 -7.73
C PHE A 44 -21.59 11.13 -9.24
N GLU A 45 -20.72 11.95 -9.80
CA GLU A 45 -20.50 12.09 -11.23
C GLU A 45 -19.16 11.44 -11.52
N ARG A 46 -19.15 10.46 -12.44
CA ARG A 46 -17.93 9.71 -12.81
C ARG A 46 -17.15 10.57 -13.80
N ILE A 47 -15.83 10.74 -13.55
CA ILE A 47 -14.99 11.59 -14.39
C ILE A 47 -14.03 10.78 -15.28
N LYS A 48 -13.11 10.03 -14.66
CA LYS A 48 -12.08 9.28 -15.39
C LYS A 48 -11.59 8.10 -14.57
N THR A 49 -11.06 7.06 -15.23
CA THR A 49 -10.46 5.90 -14.55
C THR A 49 -9.02 6.31 -14.16
N LEU A 50 -8.69 6.15 -12.86
CA LEU A 50 -7.38 6.47 -12.29
C LEU A 50 -6.49 5.22 -12.24
N GLY A 51 -7.11 4.05 -12.23
CA GLY A 51 -6.44 2.75 -12.15
C GLY A 51 -7.36 1.59 -12.34
N THR A 52 -6.79 0.39 -12.62
CA THR A 52 -7.54 -0.87 -12.85
C THR A 52 -6.99 -2.06 -12.05
N GLY A 53 -7.80 -3.10 -11.95
CA GLY A 53 -7.50 -4.34 -11.28
C GLY A 53 -8.36 -5.45 -11.85
N SER A 54 -8.21 -6.67 -11.35
CA SER A 54 -8.98 -7.82 -11.83
C SER A 54 -10.48 -7.75 -11.50
N PHE A 55 -10.83 -7.07 -10.36
CA PHE A 55 -12.23 -6.93 -9.89
C PHE A 55 -12.93 -5.67 -10.36
N GLY A 56 -12.19 -4.73 -10.92
CA GLY A 56 -12.78 -3.48 -11.39
C GLY A 56 -11.79 -2.37 -11.62
N ARG A 57 -12.16 -1.18 -11.18
CA ARG A 57 -11.35 0.02 -11.39
C ARG A 57 -11.52 1.04 -10.26
N VAL A 58 -10.63 2.04 -10.24
CA VAL A 58 -10.68 3.20 -9.36
C VAL A 58 -10.95 4.36 -10.30
N MET A 59 -11.97 5.15 -9.99
CA MET A 59 -12.37 6.26 -10.82
C MET A 59 -12.36 7.56 -10.04
N LEU A 60 -12.07 8.67 -10.76
CA LEU A 60 -12.17 10.01 -10.21
C LEU A 60 -13.65 10.31 -10.31
N VAL A 61 -14.24 10.67 -9.17
CA VAL A 61 -15.66 11.03 -9.07
C VAL A 61 -15.80 12.44 -8.49
N LYS A 62 -16.97 13.05 -8.66
CA LYS A 62 -17.32 14.34 -8.09
C LYS A 62 -18.62 14.15 -7.30
N HIS A 63 -18.59 14.52 -6.01
CA HIS A 63 -19.75 14.47 -5.13
C HIS A 63 -20.61 15.68 -5.50
N LYS A 64 -21.82 15.41 -6.02
CA LYS A 64 -22.74 16.43 -6.52
C LYS A 64 -23.12 17.52 -5.52
N GLU A 65 -23.46 17.12 -4.27
CA GLU A 65 -23.90 18.04 -3.22
C GLU A 65 -22.78 18.91 -2.63
N THR A 66 -21.58 18.35 -2.44
CA THR A 66 -20.44 19.08 -1.87
C THR A 66 -19.52 19.75 -2.90
N GLY A 67 -19.40 19.15 -4.10
CA GLY A 67 -18.51 19.63 -5.15
C GLY A 67 -17.12 19.03 -5.02
N ASN A 68 -16.89 18.25 -3.95
CA ASN A 68 -15.61 17.61 -3.68
C ASN A 68 -15.37 16.44 -4.63
N HIS A 69 -14.09 16.26 -5.02
CA HIS A 69 -13.63 15.13 -5.85
C HIS A 69 -13.16 13.99 -4.96
N TYR A 70 -13.44 12.73 -5.36
CA TYR A 70 -13.05 11.54 -4.61
C TYR A 70 -12.51 10.46 -5.54
N ALA A 71 -11.88 9.43 -4.99
CA ALA A 71 -11.43 8.28 -5.76
C ALA A 71 -12.36 7.15 -5.33
N MET A 72 -13.16 6.62 -6.27
CA MET A 72 -14.14 5.56 -6.00
C MET A 72 -13.66 4.22 -6.58
N LYS A 73 -13.37 3.25 -5.72
CA LYS A 73 -12.96 1.90 -6.13
C LYS A 73 -14.25 1.09 -6.36
N ILE A 74 -14.38 0.46 -7.52
CA ILE A 74 -15.59 -0.28 -7.89
C ILE A 74 -15.15 -1.73 -8.10
N LEU A 75 -15.75 -2.66 -7.33
CA LEU A 75 -15.46 -4.09 -7.39
C LEU A 75 -16.71 -4.83 -7.85
N ASP A 76 -16.58 -5.60 -8.96
CA ASP A 76 -17.64 -6.45 -9.52
C ASP A 76 -17.69 -7.68 -8.57
N LYS A 77 -18.84 -7.88 -7.87
CA LYS A 77 -19.03 -8.97 -6.90
C LYS A 77 -18.80 -10.35 -7.49
N GLN A 78 -19.35 -10.58 -8.71
CA GLN A 78 -19.20 -11.82 -9.48
C GLN A 78 -17.72 -12.13 -9.72
N LYS A 79 -16.92 -11.10 -10.09
CA LYS A 79 -15.47 -11.25 -10.28
C LYS A 79 -14.76 -11.55 -8.94
N VAL A 80 -15.18 -10.89 -7.83
CA VAL A 80 -14.63 -11.12 -6.49
C VAL A 80 -14.86 -12.60 -6.09
N VAL A 81 -16.10 -13.13 -6.26
CA VAL A 81 -16.48 -14.52 -5.99
C VAL A 81 -15.66 -15.51 -6.87
N LYS A 82 -15.60 -15.28 -8.19
CA LYS A 82 -14.84 -16.11 -9.16
C LYS A 82 -13.35 -16.21 -8.79
N LEU A 83 -12.76 -15.12 -8.29
CA LEU A 83 -11.36 -15.14 -7.92
C LEU A 83 -11.11 -15.52 -6.46
N LYS A 84 -12.18 -15.94 -5.73
CA LYS A 84 -12.10 -16.40 -4.34
C LYS A 84 -11.51 -15.32 -3.42
N GLN A 85 -12.02 -14.08 -3.57
CA GLN A 85 -11.54 -12.93 -2.81
C GLN A 85 -12.62 -12.26 -1.98
N ILE A 86 -13.68 -12.97 -1.62
CA ILE A 86 -14.78 -12.45 -0.81
C ILE A 86 -14.24 -11.97 0.55
N GLU A 87 -13.54 -12.86 1.28
CA GLU A 87 -12.98 -12.59 2.62
C GLU A 87 -11.96 -11.47 2.60
N HIS A 88 -11.11 -11.42 1.55
CA HIS A 88 -10.13 -10.34 1.40
C HIS A 88 -10.78 -8.99 1.17
N THR A 89 -11.90 -8.99 0.45
CA THR A 89 -12.71 -7.80 0.15
C THR A 89 -13.43 -7.30 1.40
N LEU A 90 -13.94 -8.22 2.22
CA LEU A 90 -14.61 -7.82 3.44
C LEU A 90 -13.62 -7.23 4.44
N ASN A 91 -12.39 -7.80 4.49
CA ASN A 91 -11.25 -7.38 5.30
C ASN A 91 -10.90 -5.93 4.96
N GLU A 92 -10.68 -5.66 3.66
CA GLU A 92 -10.35 -4.35 3.12
C GLU A 92 -11.29 -3.25 3.61
N LYS A 93 -12.60 -3.41 3.35
CA LYS A 93 -13.62 -2.44 3.74
C LYS A 93 -13.72 -2.27 5.29
N ARG A 94 -13.74 -3.38 6.06
CA ARG A 94 -13.82 -3.36 7.52
C ARG A 94 -12.61 -2.70 8.15
N ILE A 95 -11.42 -3.01 7.66
CA ILE A 95 -10.17 -2.39 8.14
C ILE A 95 -10.15 -0.89 7.81
N LEU A 96 -10.39 -0.52 6.53
CA LEU A 96 -10.36 0.88 6.06
C LEU A 96 -11.33 1.83 6.75
N GLN A 97 -12.54 1.36 7.05
CA GLN A 97 -13.51 2.20 7.72
C GLN A 97 -13.15 2.41 9.18
N ALA A 98 -12.23 1.56 9.73
CA ALA A 98 -11.84 1.57 11.16
C ALA A 98 -10.53 2.30 11.49
N VAL A 99 -9.63 2.40 10.53
CA VAL A 99 -8.32 3.01 10.73
C VAL A 99 -8.36 4.54 10.55
N ASN A 100 -7.34 5.22 11.10
CA ASN A 100 -7.16 6.67 11.03
C ASN A 100 -5.72 6.99 11.39
N PHE A 101 -4.92 7.27 10.36
CA PHE A 101 -3.49 7.62 10.48
C PHE A 101 -3.17 8.64 9.38
N PRO A 102 -2.28 9.64 9.58
CA PRO A 102 -2.05 10.64 8.52
C PRO A 102 -1.58 10.10 7.16
N PHE A 103 -0.98 8.89 7.13
CA PHE A 103 -0.45 8.36 5.89
C PHE A 103 -1.30 7.23 5.31
N LEU A 104 -2.55 7.06 5.80
CA LEU A 104 -3.46 6.06 5.24
C LEU A 104 -4.57 6.85 4.58
N VAL A 105 -4.92 6.51 3.32
CA VAL A 105 -5.99 7.19 2.59
C VAL A 105 -7.32 6.98 3.34
N LYS A 106 -8.09 8.07 3.45
CA LYS A 106 -9.35 8.04 4.18
C LYS A 106 -10.51 7.52 3.37
N LEU A 107 -11.26 6.58 3.94
CA LEU A 107 -12.46 6.07 3.31
C LEU A 107 -13.60 7.01 3.78
N GLU A 108 -14.19 7.80 2.86
CA GLU A 108 -15.28 8.75 3.15
C GLU A 108 -16.65 8.06 3.20
N PHE A 109 -16.94 7.22 2.21
CA PHE A 109 -18.22 6.51 2.12
C PHE A 109 -17.97 5.12 1.59
N SER A 110 -18.94 4.24 1.82
CA SER A 110 -19.02 2.90 1.25
C SER A 110 -20.51 2.55 1.09
N PHE A 111 -20.82 1.75 0.08
CA PHE A 111 -22.15 1.26 -0.26
C PHE A 111 -22.01 0.14 -1.28
N LYS A 112 -23.12 -0.48 -1.64
CA LYS A 112 -23.11 -1.53 -2.64
C LYS A 112 -24.46 -1.45 -3.41
N ASP A 113 -24.55 -2.16 -4.54
CA ASP A 113 -25.78 -2.26 -5.30
C ASP A 113 -25.95 -3.71 -5.78
N ASN A 114 -26.81 -3.96 -6.77
CA ASN A 114 -27.01 -5.31 -7.30
C ASN A 114 -25.75 -5.95 -7.85
N SER A 115 -24.90 -5.17 -8.53
CA SER A 115 -23.70 -5.70 -9.18
C SER A 115 -22.37 -5.43 -8.48
N ASN A 116 -22.19 -4.24 -7.87
CA ASN A 116 -20.88 -3.87 -7.37
C ASN A 116 -20.79 -3.43 -5.92
N LEU A 117 -19.54 -3.32 -5.43
CA LEU A 117 -19.11 -2.82 -4.14
C LEU A 117 -18.39 -1.53 -4.41
N TYR A 118 -18.60 -0.52 -3.55
CA TYR A 118 -18.04 0.82 -3.75
C TYR A 118 -17.42 1.34 -2.48
N MET A 119 -16.22 1.88 -2.63
CA MET A 119 -15.47 2.48 -1.54
C MET A 119 -15.05 3.81 -2.08
N VAL A 120 -15.54 4.90 -1.46
CA VAL A 120 -15.27 6.27 -1.90
C VAL A 120 -14.25 6.84 -0.93
N MET A 121 -13.08 7.19 -1.45
CA MET A 121 -11.95 7.67 -0.64
C MET A 121 -11.50 9.03 -1.08
N GLU A 122 -10.71 9.71 -0.24
CA GLU A 122 -10.18 11.02 -0.62
C GLU A 122 -9.27 10.85 -1.85
N TYR A 123 -9.40 11.80 -2.77
CA TYR A 123 -8.62 11.76 -3.99
C TYR A 123 -7.23 12.35 -3.73
N VAL A 124 -6.19 11.59 -4.07
CA VAL A 124 -4.78 11.99 -3.92
C VAL A 124 -4.29 12.29 -5.36
N PRO A 125 -4.24 13.58 -5.80
CA PRO A 125 -3.92 13.89 -7.20
C PRO A 125 -2.46 13.85 -7.65
N GLY A 126 -1.50 13.83 -6.71
CA GLY A 126 -0.08 13.82 -7.04
C GLY A 126 0.43 12.56 -7.74
N GLY A 127 -0.44 11.57 -7.89
CA GLY A 127 -0.12 10.32 -8.57
C GLY A 127 0.62 9.29 -7.72
N GLU A 128 0.92 8.16 -8.31
CA GLU A 128 1.63 7.08 -7.62
C GLU A 128 3.11 7.39 -7.49
N MET A 129 3.73 6.90 -6.41
CA MET A 129 5.18 6.99 -6.24
C MET A 129 5.85 6.27 -7.42
N PHE A 130 5.31 5.08 -7.80
CA PHE A 130 5.74 4.27 -8.94
C PHE A 130 6.07 5.13 -10.19
N SER A 131 5.13 6.00 -10.58
CA SER A 131 5.22 6.87 -11.74
C SER A 131 6.42 7.80 -11.68
N HIS A 132 6.60 8.51 -10.55
CA HIS A 132 7.71 9.46 -10.37
C HIS A 132 9.01 8.72 -10.24
N LEU A 133 8.99 7.53 -9.59
CA LEU A 133 10.18 6.70 -9.41
C LEU A 133 10.73 6.19 -10.74
N ARG A 134 9.88 5.57 -11.63
CA ARG A 134 10.26 5.08 -12.96
C ARG A 134 10.76 6.20 -13.86
N ARG A 135 10.02 7.31 -13.93
CA ARG A 135 10.36 8.49 -14.72
C ARG A 135 11.73 9.08 -14.30
N ILE A 136 11.87 9.46 -13.02
CA ILE A 136 13.08 10.05 -12.42
C ILE A 136 14.27 9.07 -12.48
N GLY A 137 13.99 7.78 -12.26
CA GLY A 137 14.98 6.71 -12.26
C GLY A 137 15.12 6.12 -10.87
N ARG A 138 15.68 6.92 -9.95
CA ARG A 138 15.91 6.60 -8.53
C ARG A 138 15.78 7.87 -7.70
N PHE A 139 15.51 7.71 -6.40
CA PHE A 139 15.43 8.80 -5.43
C PHE A 139 16.76 8.85 -4.69
N SER A 140 17.19 10.07 -4.28
CA SER A 140 18.42 10.21 -3.47
C SER A 140 18.09 9.59 -2.07
N GLU A 141 19.11 9.26 -1.28
CA GLU A 141 18.92 8.67 0.04
C GLU A 141 18.08 9.53 0.96
N PRO A 142 18.25 10.89 1.05
CA PRO A 142 17.35 11.68 1.90
C PRO A 142 15.89 11.65 1.44
N HIS A 143 15.68 11.60 0.11
CA HIS A 143 14.36 11.52 -0.54
C HIS A 143 13.69 10.17 -0.20
N ALA A 144 14.42 9.06 -0.37
CA ALA A 144 13.92 7.73 -0.04
C ALA A 144 13.69 7.59 1.50
N ARG A 145 14.58 8.18 2.32
CA ARG A 145 14.50 8.17 3.80
C ARG A 145 13.22 8.86 4.28
N PHE A 146 12.89 10.00 3.64
CA PHE A 146 11.65 10.74 3.90
C PHE A 146 10.42 9.82 3.77
N TYR A 147 10.27 9.11 2.64
CA TYR A 147 9.15 8.22 2.39
C TYR A 147 9.16 6.97 3.27
N ALA A 148 10.34 6.37 3.47
CA ALA A 148 10.55 5.17 4.28
C ALA A 148 10.13 5.42 5.73
N ALA A 149 10.45 6.60 6.30
CA ALA A 149 10.09 7.01 7.65
C ALA A 149 8.56 6.97 7.86
N GLN A 150 7.82 7.46 6.86
CA GLN A 150 6.36 7.47 6.84
C GLN A 150 5.77 6.05 6.83
N ILE A 151 6.45 5.12 6.13
CA ILE A 151 6.05 3.71 6.08
C ILE A 151 6.29 3.05 7.41
N VAL A 152 7.45 3.34 8.05
CA VAL A 152 7.83 2.84 9.37
C VAL A 152 6.73 3.25 10.41
N LEU A 153 6.32 4.53 10.43
CA LEU A 153 5.29 4.99 11.38
C LEU A 153 3.91 4.38 11.07
N THR A 154 3.61 4.20 9.77
CA THR A 154 2.37 3.55 9.31
C THR A 154 2.27 2.09 9.74
N PHE A 155 3.37 1.32 9.65
CA PHE A 155 3.43 -0.10 10.01
C PHE A 155 3.39 -0.25 11.51
N GLU A 156 4.05 0.64 12.23
CA GLU A 156 4.00 0.69 13.69
C GLU A 156 2.51 0.89 14.13
N TYR A 157 1.78 1.82 13.48
CA TYR A 157 0.36 2.04 13.75
C TYR A 157 -0.48 0.78 13.46
N LEU A 158 -0.41 0.24 12.23
CA LEU A 158 -1.17 -0.95 11.80
C LEU A 158 -0.87 -2.19 12.59
N HIS A 159 0.41 -2.47 12.91
CA HIS A 159 0.76 -3.70 13.62
C HIS A 159 0.32 -3.69 15.05
N SER A 160 0.19 -2.49 15.66
CA SER A 160 -0.27 -2.34 17.05
C SER A 160 -1.78 -2.70 17.13
N LEU A 161 -2.47 -2.68 15.97
CA LEU A 161 -3.88 -2.99 15.79
C LEU A 161 -4.05 -4.44 15.34
N ASP A 162 -2.94 -5.20 15.26
CA ASP A 162 -2.88 -6.61 14.84
C ASP A 162 -3.11 -6.75 13.34
N LEU A 163 -2.90 -5.66 12.62
CA LEU A 163 -3.10 -5.66 11.17
C LEU A 163 -1.81 -5.86 10.42
N ILE A 164 -1.87 -6.66 9.34
CA ILE A 164 -0.76 -6.93 8.42
C ILE A 164 -1.23 -6.31 7.09
N TYR A 165 -0.39 -5.51 6.44
CA TYR A 165 -0.75 -4.80 5.22
C TYR A 165 -0.64 -5.69 3.97
N ARG A 166 0.48 -6.39 3.80
CA ARG A 166 0.75 -7.41 2.79
C ARG A 166 0.69 -6.96 1.30
N ASP A 167 0.77 -5.68 1.00
CA ASP A 167 0.85 -5.24 -0.38
C ASP A 167 1.67 -3.97 -0.57
N LEU A 168 2.75 -3.78 0.23
CA LEU A 168 3.59 -2.59 0.09
C LEU A 168 4.34 -2.63 -1.24
N LYS A 169 4.25 -1.53 -2.03
CA LYS A 169 4.91 -1.35 -3.34
C LYS A 169 4.70 0.09 -3.82
N PRO A 170 5.58 0.66 -4.66
CA PRO A 170 5.39 2.06 -5.09
C PRO A 170 4.04 2.36 -5.76
N GLU A 171 3.44 1.36 -6.45
CA GLU A 171 2.13 1.43 -7.15
C GLU A 171 1.01 1.73 -6.18
N ASN A 172 1.15 1.31 -4.91
CA ASN A 172 0.16 1.54 -3.85
C ASN A 172 0.37 2.79 -2.98
N LEU A 173 1.43 3.54 -3.23
CA LEU A 173 1.77 4.70 -2.44
C LEU A 173 1.54 5.95 -3.26
N LEU A 174 0.56 6.76 -2.85
CA LEU A 174 0.22 7.95 -3.58
C LEU A 174 0.87 9.18 -2.98
N ILE A 175 1.27 10.13 -3.82
CA ILE A 175 1.88 11.36 -3.30
C ILE A 175 0.81 12.47 -3.19
N ASP A 176 0.65 13.05 -1.99
CA ASP A 176 -0.35 14.10 -1.78
C ASP A 176 0.21 15.50 -2.17
N GLN A 177 -0.64 16.56 -2.07
CA GLN A 177 -0.31 17.94 -2.42
C GLN A 177 0.83 18.55 -1.59
N GLN A 178 1.08 17.99 -0.40
CA GLN A 178 2.16 18.42 0.49
C GLN A 178 3.41 17.52 0.27
N GLY A 179 3.34 16.60 -0.70
CA GLY A 179 4.43 15.69 -1.04
C GLY A 179 4.59 14.51 -0.11
N TYR A 180 3.59 14.24 0.73
CA TYR A 180 3.59 13.10 1.67
C TYR A 180 2.92 11.88 1.09
N ILE A 181 3.20 10.70 1.67
CA ILE A 181 2.63 9.44 1.23
C ILE A 181 1.24 9.18 1.77
N GLN A 182 0.38 8.67 0.91
CA GLN A 182 -0.95 8.19 1.24
C GLN A 182 -0.96 6.72 0.80
N VAL A 183 -1.04 5.81 1.77
CA VAL A 183 -1.06 4.35 1.55
C VAL A 183 -2.46 3.99 1.08
N THR A 184 -2.50 3.27 -0.04
CA THR A 184 -3.71 2.89 -0.73
C THR A 184 -3.75 1.34 -0.91
N ASP A 185 -4.95 0.79 -1.14
CA ASP A 185 -5.23 -0.64 -1.41
C ASP A 185 -5.03 -1.52 -0.20
N PHE A 186 -6.14 -1.82 0.49
CA PHE A 186 -6.14 -2.68 1.67
C PHE A 186 -6.70 -4.06 1.37
N GLY A 187 -6.63 -4.43 0.09
CA GLY A 187 -7.14 -5.67 -0.46
C GLY A 187 -6.53 -6.93 0.12
N PHE A 188 -5.28 -6.87 0.62
CA PHE A 188 -4.64 -8.04 1.28
C PHE A 188 -4.46 -7.82 2.79
N ALA A 189 -4.90 -6.65 3.30
CA ALA A 189 -4.82 -6.29 4.72
C ALA A 189 -5.67 -7.23 5.55
N LYS A 190 -5.15 -7.68 6.69
CA LYS A 190 -5.82 -8.64 7.54
C LYS A 190 -5.56 -8.35 9.04
N ARG A 191 -6.60 -8.50 9.88
CA ARG A 191 -6.46 -8.45 11.34
C ARG A 191 -6.30 -9.91 11.83
N VAL A 192 -5.09 -10.24 12.25
CA VAL A 192 -4.75 -11.60 12.70
C VAL A 192 -3.81 -11.50 13.92
N LYS A 193 -4.15 -12.19 15.01
CA LYS A 193 -3.29 -12.12 16.20
C LYS A 193 -2.07 -13.07 16.05
N GLY A 194 -2.29 -14.34 15.71
CA GLY A 194 -1.20 -15.31 15.55
C GLY A 194 -0.50 -15.25 14.20
N ARG A 195 -0.43 -16.39 13.52
CA ARG A 195 0.21 -16.51 12.21
C ARG A 195 -0.85 -16.74 11.12
N THR A 196 -0.52 -16.43 9.85
CA THR A 196 -1.39 -16.59 8.71
C THR A 196 -0.67 -17.31 7.56
N TRP A 197 -1.42 -17.84 6.58
CA TRP A 197 -0.84 -18.69 5.53
C TRP A 197 -1.17 -18.31 4.07
N TPO A 198 -2.05 -17.32 3.84
CA TPO A 198 -2.40 -16.97 2.46
CB TPO A 198 -3.54 -15.91 2.29
CG2 TPO A 198 -4.13 -16.05 0.84
OG1 TPO A 198 -4.62 -16.37 3.17
P TPO A 198 -4.98 -15.47 4.39
O1P TPO A 198 -5.47 -14.12 3.97
O2P TPO A 198 -3.82 -15.11 5.20
O3P TPO A 198 -5.92 -16.19 5.28
C TPO A 198 -1.19 -16.54 1.58
O TPO A 198 -0.41 -15.68 1.97
N LEU A 199 -1.06 -17.16 0.42
CA LEU A 199 -0.05 -16.78 -0.56
C LEU A 199 -0.61 -15.56 -1.29
N CYS A 200 -0.13 -14.37 -0.96
CA CYS A 200 -0.60 -13.14 -1.59
C CYS A 200 0.44 -12.06 -1.52
N GLY A 201 0.31 -11.06 -2.36
CA GLY A 201 1.23 -9.92 -2.43
C GLY A 201 1.70 -9.77 -3.84
N THR A 202 2.88 -9.15 -4.04
CA THR A 202 3.46 -8.92 -5.36
C THR A 202 4.77 -9.69 -5.45
N PRO A 203 5.04 -10.47 -6.53
CA PRO A 203 6.28 -11.29 -6.57
C PRO A 203 7.56 -10.66 -5.99
N GLU A 204 7.97 -9.46 -6.50
CA GLU A 204 9.15 -8.72 -6.07
C GLU A 204 9.23 -8.42 -4.56
N TYR A 205 8.07 -8.29 -3.87
CA TYR A 205 8.02 -7.87 -2.46
C TYR A 205 7.78 -8.99 -1.44
N LEU A 206 7.56 -10.23 -1.90
CA LEU A 206 7.30 -11.39 -1.02
C LEU A 206 8.49 -11.77 -0.17
N ALA A 207 8.27 -11.97 1.14
CA ALA A 207 9.29 -12.44 2.06
C ALA A 207 9.52 -13.94 1.76
N PRO A 208 10.72 -14.49 2.04
CA PRO A 208 10.97 -15.92 1.77
C PRO A 208 9.96 -16.88 2.41
N GLU A 209 9.47 -16.58 3.62
CA GLU A 209 8.50 -17.41 4.37
C GLU A 209 7.13 -17.47 3.71
N ILE A 210 6.75 -16.43 2.91
CA ILE A 210 5.49 -16.49 2.15
C ILE A 210 5.71 -17.49 1.04
N ILE A 211 6.81 -17.32 0.26
CA ILE A 211 7.17 -18.20 -0.86
C ILE A 211 7.27 -19.66 -0.45
N LEU A 212 7.90 -19.93 0.71
CA LEU A 212 8.13 -21.30 1.19
C LEU A 212 6.92 -21.93 1.90
N SER A 213 5.72 -21.31 1.76
CA SER A 213 4.43 -21.77 2.29
C SER A 213 4.45 -22.10 3.78
N LYS A 214 5.24 -21.35 4.53
CA LYS A 214 5.34 -21.44 5.98
C LYS A 214 4.27 -20.47 6.49
N GLY A 215 3.90 -20.61 7.75
CA GLY A 215 3.01 -19.64 8.36
C GLY A 215 3.82 -18.37 8.56
N TYR A 216 3.17 -17.21 8.47
CA TYR A 216 3.92 -15.97 8.64
C TYR A 216 3.15 -14.95 9.45
N ASN A 217 3.82 -13.86 9.80
CA ASN A 217 3.25 -12.81 10.60
C ASN A 217 3.59 -11.44 10.00
N LYS A 218 3.65 -10.42 10.84
CA LYS A 218 3.89 -9.02 10.53
C LYS A 218 5.28 -8.72 9.95
N ALA A 219 6.25 -9.61 10.19
CA ALA A 219 7.63 -9.51 9.71
C ALA A 219 7.75 -9.50 8.19
N VAL A 220 6.70 -9.95 7.49
CA VAL A 220 6.66 -9.89 6.01
C VAL A 220 6.57 -8.44 5.53
N ASP A 221 5.96 -7.56 6.37
CA ASP A 221 5.80 -6.12 6.09
C ASP A 221 7.15 -5.39 6.20
N TRP A 222 7.99 -5.84 7.14
CA TRP A 222 9.32 -5.30 7.36
C TRP A 222 10.28 -5.73 6.27
N TRP A 223 10.10 -6.96 5.77
CA TRP A 223 10.83 -7.46 4.60
C TRP A 223 10.44 -6.58 3.41
N ALA A 224 9.10 -6.35 3.18
CA ALA A 224 8.56 -5.53 2.10
C ALA A 224 9.11 -4.09 2.16
N LEU A 225 9.34 -3.58 3.38
CA LEU A 225 9.96 -2.28 3.61
C LEU A 225 11.41 -2.25 3.06
N GLY A 226 12.16 -3.33 3.28
CA GLY A 226 13.52 -3.49 2.77
C GLY A 226 13.55 -3.43 1.25
N VAL A 227 12.57 -4.11 0.57
CA VAL A 227 12.42 -4.14 -0.91
C VAL A 227 12.12 -2.72 -1.43
N LEU A 228 11.19 -2.02 -0.74
CA LEU A 228 10.78 -0.66 -1.08
C LEU A 228 11.92 0.35 -0.98
N ILE A 229 12.69 0.33 0.15
CA ILE A 229 13.81 1.25 0.34
C ILE A 229 14.88 1.01 -0.74
N TYR A 230 15.21 -0.25 -1.01
CA TYR A 230 16.19 -0.63 -2.03
C TYR A 230 15.72 -0.08 -3.39
N GLU A 231 14.46 -0.36 -3.79
CA GLU A 231 13.87 0.08 -5.06
C GLU A 231 13.85 1.58 -5.24
N MET A 232 13.54 2.33 -4.17
CA MET A 232 13.52 3.80 -4.17
C MET A 232 14.91 4.34 -4.40
N ALA A 233 15.88 3.82 -3.69
CA ALA A 233 17.27 4.26 -3.76
C ALA A 233 18.06 3.76 -4.97
N ALA A 234 17.77 2.55 -5.49
CA ALA A 234 18.49 1.95 -6.63
C ALA A 234 17.79 2.25 -7.94
N GLY A 235 16.47 2.28 -7.91
CA GLY A 235 15.65 2.51 -9.10
C GLY A 235 15.09 1.23 -9.69
N TYR A 236 15.48 0.09 -9.10
CA TYR A 236 15.08 -1.24 -9.49
C TYR A 236 15.03 -2.10 -8.21
N PRO A 237 14.14 -3.14 -8.16
CA PRO A 237 14.07 -3.97 -6.95
C PRO A 237 15.31 -4.89 -6.74
N PRO A 238 15.56 -5.41 -5.49
CA PRO A 238 16.74 -6.27 -5.28
C PRO A 238 16.63 -7.62 -5.97
N PHE A 239 15.40 -8.06 -6.27
CA PHE A 239 15.13 -9.36 -6.91
C PHE A 239 14.14 -9.13 -8.04
N PHE A 240 14.66 -9.19 -9.26
CA PHE A 240 13.90 -9.03 -10.47
C PHE A 240 14.34 -10.06 -11.51
N ALA A 241 13.40 -10.40 -12.41
CA ALA A 241 13.56 -11.35 -13.51
C ALA A 241 12.37 -11.11 -14.45
N ASP A 242 12.22 -11.89 -15.52
CA ASP A 242 11.13 -11.70 -16.47
C ASP A 242 9.86 -12.40 -16.02
N GLN A 243 10.02 -13.55 -15.32
CA GLN A 243 8.91 -14.36 -14.81
C GLN A 243 8.89 -14.43 -13.27
N PRO A 244 7.68 -14.42 -12.64
CA PRO A 244 7.59 -14.55 -11.17
C PRO A 244 8.36 -15.72 -10.55
N ILE A 245 8.34 -16.90 -11.19
CA ILE A 245 9.04 -18.11 -10.73
C ILE A 245 10.55 -17.86 -10.52
N GLN A 246 11.18 -17.10 -11.44
CA GLN A 246 12.59 -16.74 -11.39
C GLN A 246 12.87 -15.74 -10.25
N ILE A 247 11.90 -14.84 -9.96
CA ILE A 247 11.94 -13.87 -8.86
C ILE A 247 11.95 -14.62 -7.52
N TYR A 248 11.11 -15.65 -7.37
CA TYR A 248 11.05 -16.43 -6.11
C TYR A 248 12.34 -17.18 -5.81
N GLU A 249 13.04 -17.70 -6.86
CA GLU A 249 14.32 -18.40 -6.71
C GLU A 249 15.35 -17.44 -6.12
N LYS A 250 15.39 -16.19 -6.63
CA LYS A 250 16.27 -15.13 -6.18
C LYS A 250 15.99 -14.70 -4.72
N ILE A 251 14.71 -14.58 -4.34
CA ILE A 251 14.31 -14.22 -2.97
C ILE A 251 14.74 -15.26 -1.95
N VAL A 252 14.42 -16.56 -2.21
CA VAL A 252 14.70 -17.67 -1.27
C VAL A 252 16.20 -17.92 -1.11
N SER A 253 17.01 -17.73 -2.17
CA SER A 253 18.48 -17.81 -2.04
C SER A 253 18.86 -16.49 -1.36
N GLY A 254 19.84 -16.51 -0.44
CA GLY A 254 20.24 -15.31 0.29
C GLY A 254 20.46 -14.07 -0.56
N LYS A 255 21.59 -14.11 -1.28
CA LYS A 255 22.24 -13.16 -2.19
C LYS A 255 21.44 -11.88 -2.61
N VAL A 256 21.94 -10.74 -2.14
CA VAL A 256 21.48 -9.39 -2.46
C VAL A 256 22.73 -8.54 -2.81
N ARG A 257 22.72 -7.95 -4.00
CA ARG A 257 23.80 -7.09 -4.44
C ARG A 257 23.29 -5.66 -4.34
N PHE A 258 24.09 -4.80 -3.77
CA PHE A 258 23.74 -3.40 -3.60
C PHE A 258 24.53 -2.57 -4.59
N PRO A 259 23.91 -1.50 -5.17
CA PRO A 259 24.67 -0.59 -6.05
C PRO A 259 25.79 0.09 -5.25
N SER A 260 26.95 0.35 -5.90
CA SER A 260 28.11 1.00 -5.29
C SER A 260 27.81 2.42 -4.75
N HIS A 261 26.72 3.08 -5.23
CA HIS A 261 26.36 4.41 -4.73
C HIS A 261 25.65 4.36 -3.34
N PHE A 262 25.21 3.16 -2.92
CA PHE A 262 24.56 2.95 -1.63
C PHE A 262 25.56 3.17 -0.48
N SER A 263 25.18 4.01 0.51
CA SER A 263 25.99 4.31 1.70
C SER A 263 26.12 3.05 2.57
N SER A 264 27.08 3.02 3.50
CA SER A 264 27.27 1.85 4.37
C SER A 264 26.05 1.61 5.27
N ASP A 265 25.47 2.72 5.78
CA ASP A 265 24.29 2.77 6.64
C ASP A 265 23.08 2.18 5.94
N LEU A 266 22.87 2.53 4.65
CA LEU A 266 21.76 2.01 3.85
C LEU A 266 21.89 0.50 3.70
N LYS A 267 23.07 0.04 3.27
CA LYS A 267 23.46 -1.36 3.09
C LYS A 267 23.23 -2.17 4.36
N ASP A 268 23.68 -1.63 5.52
CA ASP A 268 23.54 -2.25 6.82
C ASP A 268 22.07 -2.41 7.23
N LEU A 269 21.24 -1.34 7.09
CA LEU A 269 19.82 -1.38 7.39
C LEU A 269 19.11 -2.36 6.46
N LEU A 270 19.45 -2.35 5.15
CA LEU A 270 18.81 -3.27 4.20
C LEU A 270 19.17 -4.73 4.46
N ARG A 271 20.38 -5.02 4.99
CA ARG A 271 20.80 -6.38 5.33
C ARG A 271 19.99 -6.92 6.50
N ASN A 272 19.48 -6.00 7.34
CA ASN A 272 18.69 -6.31 8.55
C ASN A 272 17.20 -6.36 8.29
N LEU A 273 16.74 -5.81 7.14
CA LEU A 273 15.35 -5.84 6.72
C LEU A 273 15.17 -7.03 5.74
N LEU A 274 16.08 -7.15 4.77
CA LEU A 274 16.08 -8.25 3.82
C LEU A 274 16.82 -9.42 4.47
N GLN A 275 16.37 -9.79 5.67
CA GLN A 275 16.96 -10.85 6.48
C GLN A 275 16.05 -12.08 6.48
N VAL A 276 16.53 -13.22 5.93
CA VAL A 276 15.82 -14.51 5.91
C VAL A 276 15.47 -15.01 7.35
N ASP A 277 16.44 -14.89 8.27
CA ASP A 277 16.33 -15.31 9.67
C ASP A 277 15.41 -14.40 10.47
N LEU A 278 14.26 -14.94 10.91
CA LEU A 278 13.26 -14.18 11.67
C LEU A 278 13.70 -13.76 13.09
N THR A 279 14.73 -14.44 13.63
CA THR A 279 15.37 -14.15 14.93
C THR A 279 16.36 -12.97 14.78
N LYS A 280 16.59 -12.48 13.53
CA LYS A 280 17.51 -11.37 13.22
C LYS A 280 16.88 -10.22 12.41
N ARG A 281 15.71 -10.45 11.78
CA ARG A 281 15.03 -9.40 10.99
C ARG A 281 14.47 -8.26 11.87
N PHE A 282 14.85 -7.01 11.53
CA PHE A 282 14.41 -5.78 12.21
C PHE A 282 12.90 -5.59 12.08
N GLY A 283 12.29 -5.05 13.13
CA GLY A 283 10.85 -4.83 13.23
C GLY A 283 10.19 -5.90 14.06
N ASN A 284 10.79 -7.12 14.04
CA ASN A 284 10.34 -8.36 14.67
C ASN A 284 10.84 -8.60 16.10
N LEU A 285 12.11 -8.28 16.36
CA LEU A 285 12.86 -8.55 17.58
C LEU A 285 12.31 -7.85 18.86
N LYS A 286 12.96 -8.11 20.02
CA LYS A 286 12.59 -7.56 21.34
C LYS A 286 12.41 -6.03 21.33
N ASN A 287 13.41 -5.28 20.79
CA ASN A 287 13.36 -3.82 20.69
C ASN A 287 12.34 -3.29 19.60
N GLY A 288 11.69 -4.22 18.88
CA GLY A 288 10.68 -3.95 17.88
C GLY A 288 11.04 -2.92 16.82
N VAL A 289 10.13 -1.97 16.59
CA VAL A 289 10.23 -0.89 15.62
C VAL A 289 11.40 0.06 15.90
N ASN A 290 11.86 0.12 17.17
CA ASN A 290 12.96 0.99 17.59
C ASN A 290 14.31 0.56 17.05
N ASP A 291 14.46 -0.70 16.65
CA ASP A 291 15.67 -1.19 15.98
C ASP A 291 15.83 -0.46 14.63
N ILE A 292 14.70 -0.09 13.99
CA ILE A 292 14.62 0.61 12.71
C ILE A 292 14.72 2.12 12.91
N LYS A 293 13.87 2.67 13.80
CA LYS A 293 13.81 4.09 14.15
C LYS A 293 15.16 4.61 14.64
N ASN A 294 15.87 3.78 15.43
CA ASN A 294 17.18 4.12 16.01
C ASN A 294 18.37 3.73 15.13
N HIS A 295 18.15 3.04 13.99
CA HIS A 295 19.27 2.69 13.09
C HIS A 295 19.98 3.97 12.63
N LYS A 296 21.30 3.88 12.37
CA LYS A 296 22.12 5.00 11.91
C LYS A 296 21.65 5.63 10.58
N TRP A 297 21.04 4.87 9.63
CA TRP A 297 20.54 5.46 8.37
C TRP A 297 19.42 6.46 8.63
N PHE A 298 18.67 6.32 9.75
CA PHE A 298 17.57 7.19 10.15
C PHE A 298 17.96 8.25 11.20
N ALA A 299 19.25 8.43 11.49
CA ALA A 299 19.73 9.36 12.54
C ALA A 299 19.30 10.84 12.36
N THR A 300 19.09 11.31 11.11
CA THR A 300 18.67 12.70 10.86
C THR A 300 17.14 12.85 11.00
N THR A 301 16.40 11.73 10.94
CA THR A 301 14.93 11.69 11.03
C THR A 301 14.37 12.09 12.41
N ASP A 302 13.47 13.09 12.37
CA ASP A 302 12.69 13.57 13.51
C ASP A 302 11.35 12.92 13.28
N TRP A 303 11.11 11.83 14.03
CA TRP A 303 9.93 10.97 13.92
C TRP A 303 8.61 11.70 14.24
N ILE A 304 8.65 12.65 15.17
CA ILE A 304 7.48 13.45 15.56
C ILE A 304 7.11 14.45 14.44
N ALA A 305 8.11 15.09 13.82
CA ALA A 305 7.93 16.09 12.75
C ALA A 305 7.40 15.46 11.47
N ILE A 306 7.83 14.23 11.17
CA ILE A 306 7.35 13.43 10.04
C ILE A 306 5.84 13.14 10.27
N TYR A 307 5.47 12.67 11.49
CA TYR A 307 4.08 12.42 11.87
C TYR A 307 3.19 13.69 11.74
N GLN A 308 3.68 14.81 12.28
CA GLN A 308 3.04 16.13 12.30
C GLN A 308 3.05 16.83 10.93
N ARG A 309 3.80 16.26 9.97
CA ARG A 309 3.99 16.72 8.59
C ARG A 309 4.63 18.12 8.51
N LYS A 310 5.56 18.38 9.44
CA LYS A 310 6.30 19.64 9.58
C LYS A 310 7.60 19.65 8.78
N VAL A 311 7.98 18.49 8.22
CA VAL A 311 9.18 18.29 7.39
C VAL A 311 8.87 18.66 5.93
N GLU A 312 9.72 19.48 5.31
CA GLU A 312 9.55 19.88 3.92
C GLU A 312 9.86 18.67 3.04
N ALA A 313 8.85 18.26 2.24
CA ALA A 313 8.91 17.14 1.32
C ALA A 313 9.93 17.44 0.21
N PRO A 314 10.75 16.42 -0.18
CA PRO A 314 11.75 16.65 -1.23
C PRO A 314 11.14 16.90 -2.61
N PHE A 315 9.85 16.56 -2.78
CA PHE A 315 9.14 16.71 -4.03
C PHE A 315 7.66 17.10 -3.80
N ILE A 316 7.20 18.15 -4.46
CA ILE A 316 5.81 18.63 -4.39
C ILE A 316 5.26 18.47 -5.83
N PRO A 317 4.23 17.62 -6.07
CA PRO A 317 3.74 17.45 -7.45
C PRO A 317 2.93 18.65 -7.94
N LYS A 318 2.87 18.80 -9.28
CA LYS A 318 2.14 19.89 -9.94
C LYS A 318 0.64 19.74 -9.75
N PHE A 319 -0.04 20.82 -9.30
CA PHE A 319 -1.47 20.87 -9.04
C PHE A 319 -2.20 21.85 -9.95
N LYS A 320 -2.84 21.34 -11.01
CA LYS A 320 -3.55 22.14 -12.01
C LYS A 320 -4.97 22.54 -11.61
N GLY A 321 -5.67 21.63 -10.92
CA GLY A 321 -7.04 21.81 -10.47
C GLY A 321 -7.48 20.69 -9.55
N PRO A 322 -8.58 20.86 -8.79
CA PRO A 322 -9.01 19.81 -7.84
C PRO A 322 -9.27 18.41 -8.42
N GLY A 323 -9.72 18.38 -9.68
CA GLY A 323 -10.01 17.15 -10.41
C GLY A 323 -9.07 16.91 -11.57
N ASP A 324 -7.82 17.42 -11.46
CA ASP A 324 -6.84 17.19 -12.52
C ASP A 324 -6.23 15.80 -12.33
N THR A 325 -6.16 15.05 -13.44
CA THR A 325 -5.64 13.68 -13.50
C THR A 325 -4.31 13.56 -14.28
N SER A 326 -3.58 14.67 -14.50
CA SER A 326 -2.34 14.67 -15.29
C SER A 326 -1.21 13.83 -14.68
N ASN A 327 -1.20 13.60 -13.34
CA ASN A 327 -0.18 12.77 -12.68
C ASN A 327 -0.50 11.28 -12.73
N PHE A 328 -1.57 10.92 -13.44
CA PHE A 328 -2.01 9.54 -13.61
C PHE A 328 -1.98 9.19 -15.07
N ASP A 329 -1.90 7.89 -15.36
CA ASP A 329 -1.94 7.37 -16.72
C ASP A 329 -3.39 7.26 -17.18
N ASP A 330 -3.57 7.20 -18.51
CA ASP A 330 -4.86 7.05 -19.15
C ASP A 330 -5.23 5.56 -19.23
N TYR A 331 -6.52 5.25 -19.03
CA TYR A 331 -7.05 3.89 -19.03
C TYR A 331 -8.24 3.77 -19.94
N GLU A 332 -8.47 2.56 -20.47
CA GLU A 332 -9.64 2.27 -21.33
C GLU A 332 -10.89 2.37 -20.44
N GLU A 333 -11.78 3.29 -20.80
CA GLU A 333 -13.02 3.52 -20.07
C GLU A 333 -14.06 2.49 -20.42
N GLU A 334 -14.74 1.96 -19.39
CA GLU A 334 -15.82 0.98 -19.52
C GLU A 334 -16.95 1.43 -18.61
N GLU A 335 -18.17 1.51 -19.16
CA GLU A 335 -19.37 1.94 -18.43
C GLU A 335 -19.69 1.03 -17.22
N ILE A 336 -20.23 1.60 -16.14
CA ILE A 336 -20.61 0.84 -14.94
C ILE A 336 -22.00 0.26 -15.20
N ARG A 337 -22.10 -1.08 -15.23
CA ARG A 337 -23.36 -1.78 -15.45
C ARG A 337 -23.91 -2.27 -14.13
N VAL A 338 -25.14 -1.84 -13.81
CA VAL A 338 -25.81 -2.23 -12.59
C VAL A 338 -26.97 -3.13 -12.99
N SEP A 339 -26.90 -4.40 -12.59
CA SEP A 339 -27.90 -5.40 -12.92
CB SEP A 339 -27.41 -6.85 -12.69
OG SEP A 339 -28.46 -7.82 -12.91
C SEP A 339 -29.23 -5.12 -12.23
O SEP A 339 -29.25 -4.51 -11.16
P SEP A 339 -28.58 -8.46 -14.33
O1P SEP A 339 -29.26 -7.45 -15.26
O2P SEP A 339 -27.23 -8.95 -14.84
O3P SEP A 339 -29.47 -9.69 -14.20
N ILE A 340 -30.30 -5.57 -12.86
CA ILE A 340 -31.67 -5.44 -12.35
C ILE A 340 -31.90 -6.46 -11.23
N ASN A 341 -31.03 -7.48 -11.15
CA ASN A 341 -31.07 -8.53 -10.13
C ASN A 341 -29.86 -8.48 -9.23
N GLU A 342 -30.09 -8.64 -7.92
CA GLU A 342 -29.00 -8.64 -6.94
C GLU A 342 -28.14 -9.90 -7.09
N LYS A 343 -26.82 -9.69 -7.18
CA LYS A 343 -25.83 -10.76 -7.30
C LYS A 343 -25.02 -10.86 -6.02
N CYS A 344 -24.73 -12.11 -5.58
CA CYS A 344 -23.88 -12.46 -4.42
C CYS A 344 -24.27 -11.74 -3.11
N GLY A 345 -25.56 -11.54 -2.89
CA GLY A 345 -26.09 -10.84 -1.73
C GLY A 345 -25.65 -11.42 -0.39
N LYS A 346 -25.74 -12.76 -0.23
CA LYS A 346 -25.37 -13.49 1.00
C LYS A 346 -23.89 -13.30 1.36
N GLU A 347 -23.00 -13.47 0.36
CA GLU A 347 -21.56 -13.32 0.47
C GLU A 347 -21.07 -11.93 0.92
N PHE A 348 -21.75 -10.85 0.48
CA PHE A 348 -21.34 -9.46 0.78
C PHE A 348 -22.30 -8.73 1.68
N SER A 349 -23.03 -9.49 2.50
CA SER A 349 -24.06 -9.04 3.43
C SER A 349 -23.57 -7.94 4.39
N GLU A 350 -22.37 -8.13 4.97
CA GLU A 350 -21.82 -7.16 5.93
C GLU A 350 -21.14 -5.94 5.27
N PHE A 351 -20.94 -5.96 3.94
CA PHE A 351 -20.32 -4.81 3.24
C PHE A 351 -21.21 -3.54 3.38
N THR B 1 24.86 -3.22 -17.24
CA THR B 1 24.64 -2.75 -15.87
C THR B 1 23.33 -3.35 -15.36
N THR B 2 23.10 -3.34 -14.04
CA THR B 2 21.85 -3.85 -13.46
C THR B 2 20.67 -3.03 -13.95
N TYR B 3 20.84 -1.70 -14.04
CA TYR B 3 19.83 -0.74 -14.54
C TYR B 3 19.39 -1.12 -15.95
N ALA B 4 20.36 -1.29 -16.88
CA ALA B 4 20.11 -1.69 -18.27
C ALA B 4 19.36 -3.04 -18.35
N ASP B 5 19.76 -4.00 -17.52
CA ASP B 5 19.11 -5.31 -17.41
C ASP B 5 17.68 -5.16 -16.90
N PHE B 6 17.45 -4.28 -15.93
CA PHE B 6 16.09 -4.03 -15.44
C PHE B 6 15.24 -3.36 -16.51
N ILE B 7 15.76 -2.29 -17.14
CA ILE B 7 15.05 -1.48 -18.14
C ILE B 7 14.64 -2.30 -19.36
N ALA B 8 15.43 -3.32 -19.69
CA ALA B 8 15.23 -4.23 -20.81
C ALA B 8 14.30 -5.38 -20.43
N SER B 9 13.99 -5.56 -19.14
CA SER B 9 13.14 -6.66 -18.66
C SER B 9 11.66 -6.35 -18.87
N GLY B 10 10.82 -7.37 -18.74
CA GLY B 10 9.38 -7.22 -18.90
C GLY B 10 8.67 -6.78 -17.63
N ARG B 11 9.41 -6.34 -16.58
CA ARG B 11 8.76 -5.97 -15.33
C ARG B 11 9.12 -4.56 -14.83
N THR B 12 9.04 -3.59 -15.74
CA THR B 12 9.28 -2.18 -15.40
C THR B 12 7.93 -1.40 -15.26
N GLY B 13 6.83 -2.00 -15.74
CA GLY B 13 5.50 -1.43 -15.65
C GLY B 13 4.84 -1.80 -14.34
N ARG B 14 3.59 -1.39 -14.13
CA ARG B 14 2.83 -1.71 -12.92
C ARG B 14 2.79 -3.22 -12.72
N ARG B 15 3.14 -3.66 -11.51
CA ARG B 15 3.20 -5.07 -11.19
C ARG B 15 1.95 -5.50 -10.50
N ASN B 16 1.37 -6.60 -11.01
CA ASN B 16 0.16 -7.22 -10.49
C ASN B 16 0.45 -8.04 -9.26
N ALA B 17 -0.55 -8.16 -8.42
CA ALA B 17 -0.52 -9.00 -7.25
C ALA B 17 -0.76 -10.43 -7.69
N ILE B 18 -0.40 -11.40 -6.82
CA ILE B 18 -0.61 -12.84 -6.99
C ILE B 18 -1.61 -13.39 -5.94
C1 504 C . -10.00 -1.63 -8.52
C2 504 C . -8.81 -0.99 -8.19
C3 504 C . -7.69 -1.71 -7.80
C4 504 C . -7.76 -3.09 -7.76
C5 504 C . -8.96 -3.73 -8.11
C6 504 C . -10.06 -3.01 -8.51
O7 504 C . -9.03 -5.08 -8.13
C8 504 C . -8.29 -5.81 -7.16
C9 504 C . -7.24 -6.69 -7.82
C10 504 C . -6.49 -7.43 -6.71
C11 504 C . -5.81 -6.48 -5.70
C12 504 C . -6.07 -6.99 -4.26
C13 504 C . -5.22 -6.21 -3.23
N14 504 C . -3.80 -6.09 -3.60
C15 504 C . -3.54 -5.58 -4.97
C16 504 C . -4.32 -6.37 -6.03
C17 504 C . -6.41 -1.00 -7.39
C18 504 C . -6.71 -0.26 -6.11
O19 504 C . -7.10 -0.89 -5.14
N20 504 C . -6.57 1.08 -6.10
C21 504 C . -6.88 1.96 -5.06
N22 504 C . -6.87 3.25 -5.20
C23 504 C . -7.25 3.98 -4.15
C24 504 C . -7.57 3.24 -3.08
S25 504 C . -7.45 1.54 -3.50
C26 504 C . -7.23 5.47 -4.11
C27 504 C . -7.55 6.23 -3.02
N28 504 C . -7.37 7.56 -3.31
C30 504 C . -6.91 7.72 -4.59
C31 504 C . -6.79 6.41 -5.15
C32 504 C . -6.32 6.27 -6.48
C33 504 C . -6.00 7.45 -7.18
C34 504 C . -6.14 8.70 -6.56
N35 504 C . -6.58 8.81 -5.31
H29 504 C . -7.56 8.29 -2.70
#